data_5GSD
#
_entry.id   5GSD
#
_cell.length_a   55.353
_cell.length_b   67.646
_cell.length_c   115.603
_cell.angle_alpha   90.00
_cell.angle_beta   90.00
_cell.angle_gamma   90.00
#
_symmetry.space_group_name_H-M   'P 21 21 21'
#
loop_
_entity.id
_entity.type
_entity.pdbx_description
1 polymer 'HLA class I histocompatibility antigen, A-11 alpha chain'
2 polymer Beta-2-microglobulin
3 polymer 'Epstein Barr Virus, Latent membrane protein-2 epitope'
4 non-polymer GLYCEROL
5 water water
#
loop_
_entity_poly.entity_id
_entity_poly.type
_entity_poly.pdbx_seq_one_letter_code
_entity_poly.pdbx_strand_id
1 'polypeptide(L)'
;GSHSMRYFYTSVSRPGRGEPRFIAVGYVDDTQFVRFDSDAASQRMEPRAPWIEQEGPEYWDQETRNVKAQSQTDRVDLGT
LRGYYNQSEDGSHTIQIMYGCDVGPDGRFLRGYRQDAYDGKDYIALNEDLRSWTAADMAAQITKRKWEAAHAAEQQRAYL
EGRCVEWLRRYLENGKETLQRTDPPKTHMTHHPISDHEATLRCWALGFYPAEITLTWQRDGEDQTQDTELVETRPAGDGT
FQKWAAVVVPSGEEQRYTCHVQHEGLPKPLTLRWE
;
A
2 'polypeptide(L)'
;IQRTPKIQVYSRHPAENGKSNFLNCYVSGFHPSDIEVDLLKNGERIEKVEHSDLSFSKDWSFYLLYYTEFTPTEKDEYAC
RVNHVTLSQPKIVKWDRDM
;
B
3 'polypeptide(L)' SSCPLSK C
#
# COMPACT_ATOMS: atom_id res chain seq x y z
N GLY A 1 -20.32 -7.26 -2.01
CA GLY A 1 -20.23 -6.01 -2.82
C GLY A 1 -19.28 -6.18 -4.01
N SER A 2 -18.70 -5.06 -4.46
CA SER A 2 -17.70 -5.02 -5.51
C SER A 2 -16.32 -5.46 -5.04
N HIS A 3 -15.52 -5.99 -5.99
CA HIS A 3 -14.17 -6.49 -5.66
C HIS A 3 -13.18 -6.12 -6.71
N SER A 4 -11.89 -6.09 -6.34
CA SER A 4 -10.81 -5.75 -7.28
C SER A 4 -9.69 -6.81 -7.25
N MET A 5 -8.98 -6.96 -8.37
CA MET A 5 -7.67 -7.61 -8.42
C MET A 5 -6.72 -6.64 -9.11
N ARG A 6 -5.56 -6.44 -8.48
CA ARG A 6 -4.55 -5.54 -8.94
C ARG A 6 -3.17 -6.16 -8.75
N TYR A 7 -2.35 -5.99 -9.78
CA TYR A 7 -0.98 -6.35 -9.75
C TYR A 7 -0.18 -5.04 -9.85
N PHE A 8 0.88 -4.97 -9.06
CA PHE A 8 1.79 -3.82 -8.98
C PHE A 8 3.19 -4.32 -9.24
N TYR A 9 3.79 -3.82 -10.31
CA TYR A 9 5.17 -4.10 -10.65
C TYR A 9 6.07 -2.91 -10.43
N THR A 10 7.24 -3.11 -9.85
CA THR A 10 8.27 -2.05 -9.73
C THR A 10 9.61 -2.58 -10.25
N SER A 11 10.24 -1.87 -11.21
CA SER A 11 11.59 -2.21 -11.70
C SER A 11 12.53 -1.02 -11.53
N VAL A 12 13.70 -1.27 -10.92
CA VAL A 12 14.60 -0.17 -10.58
C VAL A 12 16.00 -0.40 -11.22
N SER A 13 16.47 0.50 -12.06
CA SER A 13 17.86 0.38 -12.53
C SER A 13 18.84 0.71 -11.39
N ARG A 14 19.96 0.00 -11.35
CA ARG A 14 21.07 0.25 -10.42
C ARG A 14 22.40 0.31 -11.21
N PRO A 15 22.73 1.46 -11.82
CA PRO A 15 23.87 1.51 -12.73
C PRO A 15 25.20 1.06 -12.12
N GLY A 16 25.92 0.24 -12.88
CA GLY A 16 27.18 -0.34 -12.44
C GLY A 16 27.02 -1.61 -11.59
N ARG A 17 25.96 -1.64 -10.77
CA ARG A 17 25.69 -2.70 -9.78
C ARG A 17 24.79 -3.83 -10.34
N GLY A 18 24.93 -4.11 -11.64
CA GLY A 18 24.26 -5.24 -12.29
C GLY A 18 22.84 -4.95 -12.72
N GLU A 19 22.13 -6.03 -13.06
CA GLU A 19 20.72 -5.99 -13.50
C GLU A 19 19.78 -5.20 -12.55
N PRO A 20 18.82 -4.47 -13.11
CA PRO A 20 17.70 -3.92 -12.38
C PRO A 20 16.98 -4.86 -11.48
N ARG A 21 16.47 -4.33 -10.40
CA ARG A 21 15.61 -5.11 -9.51
C ARG A 21 14.15 -5.00 -9.95
N PHE A 22 13.46 -6.13 -9.95
CA PHE A 22 12.05 -6.25 -10.28
C PHE A 22 11.32 -6.90 -9.11
N ILE A 23 10.27 -6.26 -8.63
CA ILE A 23 9.41 -6.81 -7.58
C ILE A 23 7.98 -6.83 -8.13
N ALA A 24 7.21 -7.88 -7.82
CA ALA A 24 5.80 -7.95 -8.23
C ALA A 24 4.97 -8.37 -7.03
N VAL A 25 3.81 -7.74 -6.85
CA VAL A 25 2.82 -8.21 -5.87
C VAL A 25 1.45 -8.23 -6.50
N GLY A 26 0.58 -9.12 -6.00
CA GLY A 26 -0.78 -9.18 -6.38
C GLY A 26 -1.68 -9.04 -5.19
N TYR A 27 -2.81 -8.36 -5.39
CA TYR A 27 -3.79 -8.10 -4.37
C TYR A 27 -5.16 -8.41 -4.92
N VAL A 28 -6.00 -8.93 -4.04
CA VAL A 28 -7.45 -8.97 -4.22
C VAL A 28 -7.97 -8.11 -3.11
N ASP A 29 -8.73 -7.10 -3.48
CA ASP A 29 -9.04 -6.02 -2.56
C ASP A 29 -7.79 -5.60 -1.73
N ASP A 30 -7.85 -5.60 -0.40
CA ASP A 30 -6.73 -5.13 0.45
C ASP A 30 -5.93 -6.26 1.02
N THR A 31 -5.99 -7.43 0.37
CA THR A 31 -5.28 -8.64 0.79
C THR A 31 -4.31 -9.02 -0.30
N GLN A 32 -3.02 -8.88 -0.02
CA GLN A 32 -1.97 -9.44 -0.85
C GLN A 32 -2.02 -10.97 -0.93
N PHE A 33 -1.67 -11.52 -2.08
CA PHE A 33 -1.68 -12.96 -2.28
C PHE A 33 -0.49 -13.57 -2.97
N VAL A 34 0.32 -12.78 -3.68
CA VAL A 34 1.53 -13.31 -4.35
C VAL A 34 2.63 -12.29 -4.38
N ARG A 35 3.85 -12.75 -4.67
CA ARG A 35 4.98 -11.88 -4.80
C ARG A 35 6.04 -12.53 -5.64
N PHE A 36 6.88 -11.70 -6.22
CA PHE A 36 8.05 -12.12 -6.90
C PHE A 36 9.12 -11.09 -6.71
N ASP A 37 10.34 -11.54 -6.45
CA ASP A 37 11.48 -10.64 -6.26
C ASP A 37 12.63 -11.19 -7.10
N SER A 38 13.09 -10.44 -8.08
CA SER A 38 14.19 -10.89 -8.93
C SER A 38 15.49 -11.10 -8.16
N ASP A 39 15.68 -10.37 -7.06
CA ASP A 39 16.87 -10.59 -6.24
C ASP A 39 16.85 -11.84 -5.38
N ALA A 40 15.66 -12.36 -5.02
CA ALA A 40 15.56 -13.46 -4.06
C ALA A 40 16.04 -14.77 -4.69
N ALA A 41 16.17 -15.79 -3.83
CA ALA A 41 16.81 -17.05 -4.19
C ALA A 41 15.90 -18.05 -4.87
N SER A 42 14.60 -18.01 -4.56
CA SER A 42 13.64 -18.93 -5.14
C SER A 42 13.54 -18.76 -6.64
N GLN A 43 13.53 -17.52 -7.11
CA GLN A 43 13.29 -17.22 -8.53
C GLN A 43 11.93 -17.76 -8.98
N ARG A 44 10.98 -17.72 -8.06
CA ARG A 44 9.61 -18.27 -8.21
C ARG A 44 8.62 -17.21 -7.74
N MET A 45 7.45 -17.10 -8.37
CA MET A 45 6.32 -16.43 -7.77
C MET A 45 5.88 -17.23 -6.53
N GLU A 46 5.57 -16.55 -5.43
CA GLU A 46 5.33 -17.18 -4.15
C GLU A 46 3.94 -16.86 -3.59
N PRO A 47 3.33 -17.78 -2.82
CA PRO A 47 2.10 -17.47 -2.16
C PRO A 47 2.29 -16.56 -0.98
N ARG A 48 1.33 -15.67 -0.77
CA ARG A 48 1.28 -14.80 0.42
C ARG A 48 -0.10 -14.68 1.04
N ALA A 49 -1.01 -15.55 0.64
CA ALA A 49 -2.29 -15.69 1.28
C ALA A 49 -2.52 -17.21 1.39
N PRO A 50 -3.28 -17.66 2.41
CA PRO A 50 -3.48 -19.10 2.57
C PRO A 50 -4.20 -19.75 1.38
N TRP A 51 -5.21 -19.07 0.86
CA TRP A 51 -6.14 -19.56 -0.15
C TRP A 51 -5.60 -19.71 -1.59
N ILE A 52 -4.41 -19.18 -1.84
CA ILE A 52 -3.78 -19.31 -3.14
C ILE A 52 -2.87 -20.55 -3.13
N GLU A 53 -2.62 -21.11 -1.96
CA GLU A 53 -1.68 -22.22 -1.85
C GLU A 53 -2.20 -23.45 -2.55
N GLN A 54 -3.51 -23.61 -2.61
CA GLN A 54 -4.11 -24.72 -3.37
C GLN A 54 -3.94 -24.74 -4.91
N GLU A 55 -3.42 -23.68 -5.52
CA GLU A 55 -3.09 -23.73 -6.96
C GLU A 55 -1.96 -24.75 -7.24
N GLY A 56 -2.16 -25.56 -8.26
CA GLY A 56 -1.16 -26.55 -8.66
C GLY A 56 0.07 -25.98 -9.34
N PRO A 57 1.04 -26.85 -9.63
CA PRO A 57 2.34 -26.43 -10.17
C PRO A 57 2.28 -25.65 -11.46
N GLU A 58 1.32 -25.99 -12.31
CA GLU A 58 1.21 -25.38 -13.61
C GLU A 58 0.78 -23.91 -13.46
N TYR A 59 -0.02 -23.61 -12.44
CA TYR A 59 -0.34 -22.20 -12.11
C TYR A 59 0.94 -21.48 -11.71
N TRP A 60 1.69 -22.02 -10.74
CA TRP A 60 2.95 -21.38 -10.28
C TRP A 60 3.98 -21.21 -11.39
N ASP A 61 4.10 -22.19 -12.28
CA ASP A 61 5.13 -22.17 -13.33
C ASP A 61 4.78 -21.09 -14.34
N GLN A 62 3.51 -21.03 -14.73
CA GLN A 62 3.05 -19.98 -15.64
C GLN A 62 3.17 -18.56 -15.08
N GLU A 63 2.80 -18.41 -13.83
CA GLU A 63 2.86 -17.12 -13.18
C GLU A 63 4.30 -16.63 -13.06
N THR A 64 5.21 -17.54 -12.71
CA THR A 64 6.67 -17.25 -12.64
C THR A 64 7.27 -16.84 -13.98
N ARG A 65 6.86 -17.52 -15.04
CA ARG A 65 7.22 -17.19 -16.42
C ARG A 65 6.79 -15.78 -16.78
N ASN A 66 5.56 -15.43 -16.40
CA ASN A 66 5.00 -14.11 -16.73
C ASN A 66 5.78 -12.98 -16.10
N VAL A 67 6.14 -13.13 -14.82
CA VAL A 67 6.83 -12.04 -14.14
C VAL A 67 8.29 -11.89 -14.53
N LYS A 68 8.88 -13.04 -14.82
CA LYS A 68 10.22 -13.11 -15.38
C LYS A 68 10.26 -12.44 -16.71
N ALA A 69 9.32 -12.75 -17.59
CA ALA A 69 9.31 -12.06 -18.89
C ALA A 69 9.05 -10.56 -18.70
N GLN A 70 8.20 -10.20 -17.75
CA GLN A 70 8.03 -8.80 -17.43
C GLN A 70 9.30 -8.14 -16.93
N SER A 71 10.03 -8.80 -16.03
CA SER A 71 11.24 -8.19 -15.49
C SER A 71 12.26 -7.91 -16.58
N GLN A 72 12.36 -8.86 -17.51
CA GLN A 72 13.20 -8.77 -18.71
C GLN A 72 12.75 -7.62 -19.62
N THR A 73 11.45 -7.61 -19.96
CA THR A 73 10.87 -6.47 -20.66
C THR A 73 11.21 -5.14 -20.00
N ASP A 74 10.97 -5.00 -18.71
CA ASP A 74 11.26 -3.71 -18.01
C ASP A 74 12.76 -3.31 -18.09
N ARG A 75 13.62 -4.32 -18.10
CA ARG A 75 15.06 -4.17 -18.23
C ARG A 75 15.40 -3.43 -19.55
N VAL A 76 14.84 -3.90 -20.65
CA VAL A 76 15.00 -3.28 -21.96
C VAL A 76 14.40 -1.87 -21.92
N ASP A 77 13.16 -1.75 -21.41
CA ASP A 77 12.44 -0.46 -21.38
C ASP A 77 13.11 0.63 -20.54
N LEU A 78 13.78 0.22 -19.47
CA LEU A 78 14.54 1.17 -18.64
C LEU A 78 15.61 1.87 -19.50
N GLY A 79 16.28 1.11 -20.37
CA GLY A 79 17.21 1.66 -21.32
C GLY A 79 16.54 2.53 -22.36
N THR A 80 15.48 2.04 -22.95
CA THR A 80 14.73 2.82 -23.93
C THR A 80 14.26 4.18 -23.41
N LEU A 81 13.74 4.21 -22.17
CA LEU A 81 13.22 5.46 -21.58
C LEU A 81 14.35 6.40 -21.22
N ARG A 82 15.52 5.87 -20.86
CA ARG A 82 16.72 6.69 -20.65
C ARG A 82 17.07 7.38 -21.96
N GLY A 83 17.06 6.62 -23.06
CA GLY A 83 17.20 7.22 -24.37
C GLY A 83 16.19 8.35 -24.62
N TYR A 84 14.91 8.05 -24.53
CA TYR A 84 13.88 9.03 -24.85
C TYR A 84 14.04 10.35 -24.04
N TYR A 85 14.41 10.25 -22.76
CA TYR A 85 14.60 11.44 -21.92
C TYR A 85 16.03 11.98 -21.89
N ASN A 86 16.95 11.40 -22.67
CA ASN A 86 18.34 11.89 -22.81
C ASN A 86 19.02 11.89 -21.48
N GLN A 87 19.01 10.74 -20.83
CA GLN A 87 19.51 10.66 -19.46
C GLN A 87 20.77 9.88 -19.48
N SER A 88 21.65 10.14 -18.52
CA SER A 88 22.91 9.41 -18.48
C SER A 88 22.66 8.01 -17.98
N GLU A 89 23.58 7.13 -18.30
CA GLU A 89 23.54 5.75 -17.86
C GLU A 89 23.88 5.59 -16.36
N ASP A 90 24.21 6.70 -15.68
CA ASP A 90 24.62 6.72 -14.28
C ASP A 90 23.55 6.84 -13.23
N GLY A 91 22.38 7.40 -13.58
CA GLY A 91 21.26 7.53 -12.64
C GLY A 91 20.46 6.25 -12.40
N SER A 92 19.95 6.11 -11.19
CA SER A 92 18.92 5.11 -10.94
C SER A 92 17.55 5.62 -11.43
N HIS A 93 16.80 4.80 -12.15
CA HIS A 93 15.38 5.13 -12.51
C HIS A 93 14.40 3.99 -12.28
N THR A 94 13.12 4.29 -12.40
CA THR A 94 12.06 3.38 -11.93
C THR A 94 10.88 3.30 -12.91
N ILE A 95 10.55 2.08 -13.33
CA ILE A 95 9.30 1.85 -14.05
C ILE A 95 8.30 1.17 -13.08
N GLN A 96 7.09 1.70 -13.03
CA GLN A 96 6.06 1.11 -12.24
C GLN A 96 4.89 0.82 -13.11
N ILE A 97 4.21 -0.30 -12.82
CA ILE A 97 3.09 -0.74 -13.63
C ILE A 97 1.99 -1.24 -12.67
N MET A 98 0.77 -0.74 -12.85
CA MET A 98 -0.42 -1.23 -12.16
C MET A 98 -1.43 -1.62 -13.23
N TYR A 99 -1.95 -2.84 -13.09
CA TYR A 99 -3.09 -3.26 -13.86
C TYR A 99 -4.07 -4.11 -13.03
N GLY A 100 -5.27 -4.28 -13.56
CA GLY A 100 -6.25 -5.12 -12.88
C GLY A 100 -7.67 -4.86 -13.31
N CYS A 101 -8.59 -5.52 -12.63
CA CYS A 101 -10.01 -5.47 -12.96
C CYS A 101 -10.88 -5.39 -11.72
N ASP A 102 -12.11 -4.92 -11.91
CA ASP A 102 -13.09 -4.89 -10.86
C ASP A 102 -14.27 -5.71 -11.33
N VAL A 103 -14.98 -6.33 -10.38
CA VAL A 103 -16.27 -6.95 -10.61
C VAL A 103 -17.27 -6.47 -9.60
N GLY A 104 -18.54 -6.58 -9.96
CA GLY A 104 -19.67 -6.20 -9.13
C GLY A 104 -20.08 -7.31 -8.15
N PRO A 105 -21.17 -7.08 -7.40
CA PRO A 105 -21.72 -8.07 -6.45
C PRO A 105 -22.06 -9.41 -7.07
N ASP A 106 -22.69 -9.36 -8.26
CA ASP A 106 -23.03 -10.54 -9.08
C ASP A 106 -21.86 -11.23 -9.82
N GLY A 107 -20.68 -10.61 -9.79
CA GLY A 107 -19.45 -11.18 -10.34
C GLY A 107 -19.14 -10.70 -11.74
N ARG A 108 -19.99 -9.85 -12.31
CA ARG A 108 -19.78 -9.37 -13.67
C ARG A 108 -18.65 -8.36 -13.70
N PHE A 109 -17.93 -8.29 -14.84
CA PHE A 109 -16.94 -7.28 -15.15
C PHE A 109 -17.44 -5.85 -14.96
N LEU A 110 -16.74 -5.03 -14.18
CA LEU A 110 -17.07 -3.60 -14.07
C LEU A 110 -16.10 -2.73 -14.87
N ARG A 111 -14.80 -2.97 -14.65
CA ARG A 111 -13.79 -2.24 -15.40
C ARG A 111 -12.43 -2.88 -15.34
N GLY A 112 -11.54 -2.35 -16.16
CA GLY A 112 -10.15 -2.74 -16.20
C GLY A 112 -9.20 -1.55 -16.30
N TYR A 113 -7.96 -1.77 -15.89
CA TYR A 113 -6.98 -0.74 -15.70
C TYR A 113 -5.65 -1.25 -16.17
N ARG A 114 -4.86 -0.34 -16.76
CA ARG A 114 -3.43 -0.56 -16.99
C ARG A 114 -2.77 0.80 -17.08
N GLN A 115 -1.86 1.07 -16.17
CA GLN A 115 -1.18 2.34 -16.11
C GLN A 115 0.29 2.17 -15.69
N ASP A 116 1.10 3.02 -16.30
CA ASP A 116 2.53 2.87 -16.27
C ASP A 116 3.07 4.22 -15.89
N ALA A 117 4.12 4.19 -15.07
CA ALA A 117 4.80 5.41 -14.63
C ALA A 117 6.24 5.25 -14.87
N TYR A 118 6.91 6.39 -14.96
CA TYR A 118 8.37 6.46 -15.01
C TYR A 118 8.79 7.46 -13.98
N ASP A 119 9.76 7.05 -13.16
CA ASP A 119 10.22 7.84 -12.06
C ASP A 119 9.12 8.45 -11.18
N GLY A 120 8.03 7.70 -10.89
CA GLY A 120 6.95 8.17 -10.00
C GLY A 120 5.89 9.05 -10.65
N LYS A 121 5.95 9.19 -11.97
CA LYS A 121 5.05 10.08 -12.68
C LYS A 121 4.37 9.26 -13.78
N ASP A 122 3.12 9.58 -14.03
CA ASP A 122 2.39 9.09 -15.18
C ASP A 122 3.24 9.06 -16.41
N TYR A 123 3.20 7.94 -17.13
CA TYR A 123 3.92 7.76 -18.38
C TYR A 123 2.87 7.50 -19.50
N ILE A 124 2.20 6.33 -19.43
CA ILE A 124 1.15 5.97 -20.33
C ILE A 124 0.09 5.23 -19.54
N ALA A 125 -1.19 5.43 -19.94
CA ALA A 125 -2.31 4.72 -19.38
C ALA A 125 -3.28 4.24 -20.46
N LEU A 126 -3.88 3.08 -20.23
CA LEU A 126 -4.97 2.61 -21.05
C LEU A 126 -6.22 3.36 -20.62
N ASN A 127 -6.93 3.92 -21.59
CA ASN A 127 -8.20 4.60 -21.26
C ASN A 127 -9.33 3.62 -20.87
N GLU A 128 -10.27 4.06 -20.06
CA GLU A 128 -11.39 3.24 -19.59
C GLU A 128 -12.07 2.47 -20.72
N ASP A 129 -12.08 3.01 -21.93
CA ASP A 129 -12.63 2.30 -23.08
C ASP A 129 -11.81 1.05 -23.51
N LEU A 130 -10.63 0.87 -22.94
CA LEU A 130 -9.75 -0.27 -23.21
C LEU A 130 -9.31 -0.39 -24.66
N ARG A 131 -9.42 0.74 -25.39
CA ARG A 131 -9.16 0.78 -26.84
CA ARG A 131 -9.21 0.82 -26.84
C ARG A 131 -8.06 1.78 -27.19
N SER A 132 -7.96 2.87 -26.44
CA SER A 132 -6.99 3.90 -26.70
C SER A 132 -6.11 4.15 -25.46
N TRP A 133 -5.01 4.85 -25.69
CA TRP A 133 -3.96 5.14 -24.71
C TRP A 133 -3.81 6.65 -24.51
N THR A 134 -3.48 7.06 -23.27
CA THR A 134 -3.12 8.44 -22.96
C THR A 134 -1.65 8.50 -22.58
N ALA A 135 -0.84 9.13 -23.44
CA ALA A 135 0.57 9.47 -23.15
C ALA A 135 0.68 10.75 -22.30
N ALA A 136 1.46 10.74 -21.22
CA ALA A 136 1.67 11.94 -20.43
C ALA A 136 2.55 13.00 -21.13
N ASP A 137 3.45 12.57 -22.02
CA ASP A 137 4.45 13.51 -22.55
C ASP A 137 4.96 13.01 -23.90
N MET A 138 6.00 13.67 -24.42
CA MET A 138 6.52 13.34 -25.73
C MET A 138 7.14 11.96 -25.79
N ALA A 139 7.89 11.59 -24.78
CA ALA A 139 8.49 10.28 -24.75
C ALA A 139 7.40 9.18 -24.84
N ALA A 140 6.42 9.25 -23.96
CA ALA A 140 5.33 8.31 -23.97
C ALA A 140 4.46 8.30 -25.25
N GLN A 141 4.42 9.40 -26.00
CA GLN A 141 3.81 9.39 -27.34
C GLN A 141 4.48 8.39 -28.31
N ILE A 142 5.79 8.26 -28.22
CA ILE A 142 6.54 7.27 -28.98
C ILE A 142 6.12 5.85 -28.56
N THR A 143 6.15 5.59 -27.27
CA THR A 143 5.58 4.34 -26.76
C THR A 143 4.16 4.11 -27.28
N LYS A 144 3.31 5.09 -27.14
CA LYS A 144 1.92 4.96 -27.59
C LYS A 144 1.78 4.54 -29.07
N ARG A 145 2.56 5.18 -29.93
CA ARG A 145 2.63 4.77 -31.31
C ARG A 145 3.06 3.32 -31.48
N LYS A 146 4.08 2.84 -30.77
CA LYS A 146 4.47 1.40 -30.85
C LYS A 146 3.32 0.47 -30.46
N TRP A 147 2.58 0.89 -29.41
CA TRP A 147 1.48 0.10 -28.85
C TRP A 147 0.25 0.11 -29.74
N GLU A 148 0.09 1.18 -30.52
CA GLU A 148 -1.02 1.26 -31.48
C GLU A 148 -0.74 0.34 -32.63
N ALA A 149 0.47 0.43 -33.19
CA ALA A 149 0.96 -0.44 -34.28
C ALA A 149 0.97 -1.92 -33.91
N ALA A 150 1.39 -2.20 -32.69
CA ALA A 150 1.39 -3.54 -32.17
C ALA A 150 0.02 -4.03 -31.67
N HIS A 151 -1.04 -3.20 -31.66
CA HIS A 151 -2.38 -3.63 -31.17
C HIS A 151 -2.38 -4.13 -29.71
N ALA A 152 -1.65 -3.39 -28.88
CA ALA A 152 -1.42 -3.76 -27.51
C ALA A 152 -2.72 -3.69 -26.70
N ALA A 153 -3.56 -2.72 -27.06
CA ALA A 153 -4.79 -2.49 -26.34
C ALA A 153 -5.71 -3.69 -26.44
N GLU A 154 -5.80 -4.28 -27.62
CA GLU A 154 -6.65 -5.44 -27.82
C GLU A 154 -6.20 -6.61 -26.93
N GLN A 155 -4.90 -6.85 -26.88
CA GLN A 155 -4.31 -7.90 -26.05
C GLN A 155 -4.57 -7.65 -24.58
N GLN A 156 -4.31 -6.42 -24.13
CA GLN A 156 -4.60 -6.03 -22.75
C GLN A 156 -6.12 -6.21 -22.39
N ARG A 157 -7.02 -5.79 -23.29
CA ARG A 157 -8.49 -5.84 -23.09
C ARG A 157 -8.98 -7.29 -22.94
N ALA A 158 -8.49 -8.17 -23.81
CA ALA A 158 -8.78 -9.61 -23.73
C ALA A 158 -8.41 -10.22 -22.38
N TYR A 159 -7.24 -9.87 -21.87
CA TYR A 159 -6.88 -10.25 -20.51
C TYR A 159 -7.84 -9.67 -19.44
N LEU A 160 -8.03 -8.37 -19.45
CA LEU A 160 -8.77 -7.70 -18.40
C LEU A 160 -10.24 -8.10 -18.30
N GLU A 161 -10.87 -8.34 -19.45
CA GLU A 161 -12.27 -8.79 -19.55
C GLU A 161 -12.45 -10.32 -19.44
N GLY A 162 -11.39 -11.09 -19.48
CA GLY A 162 -11.45 -12.53 -19.47
C GLY A 162 -10.73 -13.11 -18.27
N ARG A 163 -9.49 -13.52 -18.50
CA ARG A 163 -8.67 -14.17 -17.46
C ARG A 163 -8.67 -13.42 -16.13
N CYS A 164 -8.44 -12.11 -16.18
CA CYS A 164 -8.39 -11.28 -14.99
C CYS A 164 -9.66 -11.48 -14.09
N VAL A 165 -10.80 -11.30 -14.70
CA VAL A 165 -12.09 -11.45 -14.09
C VAL A 165 -12.47 -12.86 -13.67
N GLU A 166 -12.03 -13.86 -14.43
CA GLU A 166 -12.26 -15.29 -14.08
C GLU A 166 -11.51 -15.78 -12.85
N TRP A 167 -10.24 -15.44 -12.81
CA TRP A 167 -9.41 -15.73 -11.70
C TRP A 167 -9.77 -14.91 -10.47
N LEU A 168 -10.23 -13.69 -10.64
CA LEU A 168 -10.67 -12.88 -9.52
C LEU A 168 -11.89 -13.59 -8.87
N ARG A 169 -12.88 -13.97 -9.69
CA ARG A 169 -14.01 -14.74 -9.20
C ARG A 169 -13.59 -16.01 -8.53
N ARG A 170 -12.65 -16.73 -9.12
CA ARG A 170 -12.19 -17.97 -8.51
C ARG A 170 -11.54 -17.71 -7.15
N TYR A 171 -10.67 -16.69 -7.08
CA TYR A 171 -10.00 -16.38 -5.82
C TYR A 171 -11.04 -15.93 -4.79
N LEU A 172 -12.03 -15.12 -5.21
CA LEU A 172 -13.08 -14.74 -4.29
C LEU A 172 -13.85 -15.93 -3.68
N GLU A 173 -14.10 -16.97 -4.48
CA GLU A 173 -14.79 -18.17 -4.02
C GLU A 173 -13.87 -19.03 -3.17
N ASN A 174 -12.65 -19.32 -3.62
CA ASN A 174 -11.68 -20.08 -2.81
C ASN A 174 -11.18 -19.38 -1.51
N GLY A 175 -11.25 -18.06 -1.43
CA GLY A 175 -10.82 -17.37 -0.22
C GLY A 175 -11.99 -16.72 0.46
N LYS A 176 -13.20 -17.25 0.31
CA LYS A 176 -14.39 -16.48 0.70
C LYS A 176 -14.51 -16.20 2.22
N GLU A 177 -13.83 -17.00 3.06
CA GLU A 177 -13.84 -16.80 4.52
C GLU A 177 -13.12 -15.54 4.89
N THR A 178 -11.94 -15.35 4.33
CA THR A 178 -11.17 -14.18 4.55
C THR A 178 -11.56 -13.03 3.58
N LEU A 179 -11.67 -13.30 2.28
CA LEU A 179 -11.95 -12.23 1.32
C LEU A 179 -13.31 -11.60 1.41
N GLN A 180 -14.31 -12.35 1.83
CA GLN A 180 -15.67 -11.82 1.86
C GLN A 180 -16.19 -11.56 3.27
N ARG A 181 -15.31 -11.66 4.27
CA ARG A 181 -15.63 -11.24 5.65
C ARG A 181 -15.38 -9.73 5.77
N THR A 182 -16.27 -9.07 6.50
CA THR A 182 -16.05 -7.72 6.93
C THR A 182 -15.80 -7.80 8.43
N ASP A 183 -14.67 -7.18 8.84
CA ASP A 183 -14.28 -6.98 10.22
C ASP A 183 -14.61 -5.54 10.61
N PRO A 184 -15.60 -5.34 11.49
CA PRO A 184 -15.87 -3.97 11.88
C PRO A 184 -14.75 -3.39 12.75
N PRO A 185 -14.63 -2.06 12.77
CA PRO A 185 -13.65 -1.48 13.64
C PRO A 185 -14.05 -1.58 15.09
N LYS A 186 -13.06 -1.75 15.95
CA LYS A 186 -13.29 -1.72 17.38
C LYS A 186 -12.81 -0.32 17.75
N THR A 187 -13.72 0.44 18.38
CA THR A 187 -13.54 1.81 18.63
C THR A 187 -13.35 2.10 20.11
N HIS A 188 -12.56 3.14 20.38
CA HIS A 188 -12.51 3.79 21.68
C HIS A 188 -11.96 5.21 21.53
N MET A 189 -12.04 5.97 22.61
CA MET A 189 -11.48 7.32 22.70
CA MET A 189 -11.47 7.32 22.68
C MET A 189 -10.32 7.37 23.69
N THR A 190 -9.31 8.19 23.36
CA THR A 190 -8.27 8.62 24.30
C THR A 190 -8.41 10.16 24.51
N HIS A 191 -7.81 10.62 25.63
CA HIS A 191 -7.96 11.97 26.18
C HIS A 191 -6.73 12.36 26.97
N HIS A 192 -6.02 13.36 26.49
CA HIS A 192 -4.83 13.88 27.15
C HIS A 192 -4.83 15.44 27.23
N PRO A 193 -4.81 15.99 28.47
CA PRO A 193 -4.46 17.40 28.65
C PRO A 193 -3.16 17.83 27.99
N ILE A 194 -3.20 18.95 27.27
CA ILE A 194 -2.02 19.67 26.82
C ILE A 194 -1.67 20.79 27.84
N SER A 195 -2.70 21.39 28.43
CA SER A 195 -2.57 22.54 29.33
CA SER A 195 -2.57 22.53 29.34
C SER A 195 -3.69 22.46 30.35
N ASP A 196 -3.73 23.42 31.27
CA ASP A 196 -4.86 23.58 32.19
C ASP A 196 -6.18 23.87 31.44
N HIS A 197 -6.10 24.32 30.19
CA HIS A 197 -7.30 24.78 29.45
C HIS A 197 -7.61 24.01 28.13
N GLU A 198 -6.66 23.23 27.62
CA GLU A 198 -6.69 22.58 26.29
C GLU A 198 -6.36 21.05 26.43
N ALA A 199 -7.05 20.21 25.67
CA ALA A 199 -6.90 18.73 25.72
C ALA A 199 -7.11 18.11 24.32
N THR A 200 -6.31 17.08 24.00
CA THR A 200 -6.53 16.20 22.81
C THR A 200 -7.63 15.16 23.06
N LEU A 201 -8.67 15.17 22.21
CA LEU A 201 -9.56 14.02 22.03
C LEU A 201 -9.15 13.25 20.78
N ARG A 202 -8.84 11.97 20.94
CA ARG A 202 -8.43 11.11 19.84
C ARG A 202 -9.36 9.89 19.76
N CYS A 203 -9.91 9.72 18.58
CA CYS A 203 -10.89 8.72 18.28
C CYS A 203 -10.20 7.61 17.45
N TRP A 204 -10.28 6.41 17.96
CA TRP A 204 -9.54 5.25 17.42
C TRP A 204 -10.45 4.22 16.75
N ALA A 205 -9.98 3.69 15.63
CA ALA A 205 -10.60 2.56 14.96
C ALA A 205 -9.54 1.55 14.71
N LEU A 206 -9.80 0.32 15.16
CA LEU A 206 -8.87 -0.79 15.08
C LEU A 206 -9.47 -2.10 14.56
N GLY A 207 -8.58 -2.88 13.99
CA GLY A 207 -8.89 -4.22 13.57
C GLY A 207 -9.97 -4.31 12.54
N PHE A 208 -10.08 -3.30 11.68
CA PHE A 208 -11.09 -3.30 10.63
C PHE A 208 -10.55 -3.85 9.31
N TYR A 209 -11.49 -4.42 8.56
CA TYR A 209 -11.26 -4.89 7.18
C TYR A 209 -12.53 -4.72 6.37
N PRO A 210 -12.50 -4.17 5.14
CA PRO A 210 -11.36 -3.63 4.41
C PRO A 210 -10.89 -2.26 4.91
N ALA A 211 -9.85 -1.72 4.26
CA ALA A 211 -9.16 -0.50 4.71
C ALA A 211 -10.00 0.75 4.70
N GLU A 212 -10.91 0.81 3.75
CA GLU A 212 -11.79 1.95 3.57
C GLU A 212 -12.58 2.22 4.86
N ILE A 213 -12.51 3.47 5.31
CA ILE A 213 -13.17 3.90 6.50
C ILE A 213 -13.26 5.40 6.47
N THR A 214 -14.24 5.93 7.18
CA THR A 214 -14.30 7.34 7.44
C THR A 214 -14.47 7.61 8.92
N LEU A 215 -13.64 8.52 9.42
CA LEU A 215 -13.63 9.00 10.79
C LEU A 215 -13.78 10.50 10.75
N THR A 216 -14.78 11.04 11.43
CA THR A 216 -14.98 12.51 11.45
C THR A 216 -15.34 12.99 12.86
N TRP A 217 -14.85 14.17 13.20
CA TRP A 217 -15.19 14.85 14.46
C TRP A 217 -16.22 15.99 14.21
N GLN A 218 -17.14 16.18 15.16
CA GLN A 218 -18.25 17.14 15.04
C GLN A 218 -18.33 17.93 16.35
N ARG A 219 -18.56 19.23 16.30
CA ARG A 219 -18.90 20.03 17.51
C ARG A 219 -20.35 20.53 17.43
N ASP A 220 -21.16 20.21 18.45
CA ASP A 220 -22.59 20.54 18.46
C ASP A 220 -23.29 20.09 17.17
N GLY A 221 -22.88 18.97 16.60
CA GLY A 221 -23.38 18.50 15.30
C GLY A 221 -22.74 19.13 14.04
N GLU A 222 -21.78 20.03 14.20
CA GLU A 222 -21.14 20.67 13.06
C GLU A 222 -19.79 20.07 12.85
N ASP A 223 -19.53 19.61 11.64
CA ASP A 223 -18.21 19.14 11.20
C ASP A 223 -17.01 20.00 11.59
N GLN A 224 -15.90 19.34 11.97
CA GLN A 224 -14.69 20.00 12.42
C GLN A 224 -13.54 19.73 11.50
N THR A 225 -13.83 19.55 10.23
CA THR A 225 -12.87 18.88 9.37
C THR A 225 -11.56 19.68 9.31
N GLN A 226 -11.61 21.01 9.19
CA GLN A 226 -10.34 21.78 9.19
C GLN A 226 -9.43 21.64 10.43
N ASP A 227 -10.03 21.46 11.61
CA ASP A 227 -9.26 21.27 12.86
C ASP A 227 -9.02 19.82 13.34
N THR A 228 -9.19 18.86 12.41
CA THR A 228 -8.98 17.44 12.68
C THR A 228 -7.63 17.03 12.15
N GLU A 229 -6.78 16.50 13.03
CA GLU A 229 -5.61 15.73 12.65
C GLU A 229 -6.07 14.28 12.39
N LEU A 230 -5.65 13.80 11.22
CA LEU A 230 -6.02 12.50 10.69
C LEU A 230 -4.72 11.84 10.34
N VAL A 231 -4.57 10.56 10.64
CA VAL A 231 -3.44 9.81 10.14
C VAL A 231 -3.88 8.97 8.99
N GLU A 232 -2.94 8.67 8.12
CA GLU A 232 -3.20 7.72 7.08
C GLU A 232 -3.63 6.37 7.68
N THR A 233 -4.62 5.74 7.08
CA THR A 233 -4.96 4.34 7.41
C THR A 233 -3.76 3.38 7.24
N ARG A 234 -3.51 2.52 8.23
CA ARG A 234 -2.24 1.82 8.36
C ARG A 234 -2.52 0.34 8.65
N PRO A 235 -1.65 -0.56 8.18
CA PRO A 235 -1.84 -1.97 8.45
C PRO A 235 -1.40 -2.33 9.89
N ALA A 236 -2.26 -3.07 10.60
CA ALA A 236 -1.88 -3.66 11.89
C ALA A 236 -0.83 -4.79 11.71
N GLY A 237 -0.82 -5.42 10.56
CA GLY A 237 0.16 -6.49 10.32
C GLY A 237 -0.44 -7.86 10.26
N ASP A 238 -1.73 -7.96 10.57
CA ASP A 238 -2.43 -9.22 10.69
C ASP A 238 -3.57 -9.27 9.67
N GLY A 239 -3.49 -8.50 8.62
CA GLY A 239 -4.62 -8.44 7.67
C GLY A 239 -5.67 -7.35 7.93
N THR A 240 -5.64 -6.72 9.11
CA THR A 240 -6.59 -5.66 9.42
C THR A 240 -5.85 -4.34 9.51
N PHE A 241 -6.63 -3.27 9.73
CA PHE A 241 -6.13 -1.89 9.60
C PHE A 241 -6.51 -1.07 10.80
N GLN A 242 -5.86 0.11 10.88
CA GLN A 242 -6.04 1.08 11.94
C GLN A 242 -6.05 2.52 11.44
N LYS A 243 -6.80 3.34 12.16
CA LYS A 243 -6.86 4.75 11.88
C LYS A 243 -7.28 5.52 13.12
N TRP A 244 -6.81 6.75 13.20
CA TRP A 244 -7.34 7.66 14.19
C TRP A 244 -7.47 9.07 13.67
N ALA A 245 -8.29 9.83 14.39
CA ALA A 245 -8.65 11.22 14.17
C ALA A 245 -8.60 11.92 15.55
N ALA A 246 -7.92 13.05 15.63
CA ALA A 246 -7.84 13.83 16.85
C ALA A 246 -8.24 15.30 16.64
N VAL A 247 -8.83 15.87 17.68
CA VAL A 247 -9.09 17.30 17.80
C VAL A 247 -8.54 17.84 19.13
N VAL A 248 -8.12 19.10 19.12
CA VAL A 248 -7.73 19.84 20.34
C VAL A 248 -8.98 20.60 20.81
N VAL A 249 -9.37 20.41 22.06
CA VAL A 249 -10.66 20.87 22.59
C VAL A 249 -10.44 21.73 23.86
N PRO A 250 -11.25 22.77 24.07
CA PRO A 250 -11.23 23.43 25.39
C PRO A 250 -11.64 22.50 26.52
N SER A 251 -10.72 22.33 27.48
CA SER A 251 -10.97 21.58 28.72
C SER A 251 -12.24 22.06 29.32
N GLY A 252 -13.10 21.11 29.62
CA GLY A 252 -14.45 21.39 30.02
C GLY A 252 -15.50 21.25 28.94
N GLU A 253 -15.16 21.40 27.65
CA GLU A 253 -16.15 21.32 26.57
C GLU A 253 -16.11 20.02 25.71
N GLU A 254 -15.56 18.95 26.28
CA GLU A 254 -15.48 17.64 25.63
C GLU A 254 -16.84 17.05 25.19
N GLN A 255 -17.87 17.21 26.02
CA GLN A 255 -19.23 16.67 25.75
C GLN A 255 -19.87 17.20 24.45
N ARG A 256 -19.39 18.32 23.95
CA ARG A 256 -19.84 18.88 22.69
C ARG A 256 -19.33 18.15 21.47
N TYR A 257 -18.26 17.38 21.64
CA TYR A 257 -17.62 16.70 20.54
C TYR A 257 -18.11 15.27 20.37
N THR A 258 -18.22 14.88 19.10
CA THR A 258 -18.63 13.53 18.72
C THR A 258 -17.75 13.08 17.58
N CYS A 259 -17.23 11.88 17.70
CA CYS A 259 -16.53 11.23 16.62
C CYS A 259 -17.53 10.33 15.95
N HIS A 260 -17.51 10.34 14.62
CA HIS A 260 -18.38 9.49 13.84
C HIS A 260 -17.54 8.55 13.01
N VAL A 261 -17.93 7.28 13.03
CA VAL A 261 -17.15 6.21 12.43
C VAL A 261 -18.01 5.49 11.37
N GLN A 262 -17.59 5.53 10.10
CA GLN A 262 -18.30 4.82 9.03
C GLN A 262 -17.42 3.79 8.41
N HIS A 263 -18.01 2.60 8.27
CA HIS A 263 -17.33 1.44 7.75
C HIS A 263 -18.39 0.43 7.30
N GLU A 264 -18.08 -0.25 6.19
CA GLU A 264 -18.86 -1.38 5.61
C GLU A 264 -19.36 -2.44 6.60
N GLY A 265 -18.49 -2.90 7.49
CA GLY A 265 -18.85 -3.84 8.56
C GLY A 265 -19.74 -3.35 9.68
N LEU A 266 -19.99 -2.05 9.75
CA LEU A 266 -20.93 -1.53 10.72
C LEU A 266 -22.37 -1.46 10.14
N PRO A 267 -23.33 -2.20 10.79
CA PRO A 267 -24.73 -2.05 10.43
C PRO A 267 -25.16 -0.58 10.42
N LYS A 268 -24.77 0.15 11.46
CA LYS A 268 -25.04 1.57 11.57
C LYS A 268 -23.74 2.27 11.93
N PRO A 269 -23.56 3.51 11.46
CA PRO A 269 -22.45 4.35 11.95
C PRO A 269 -22.40 4.53 13.47
N LEU A 270 -21.19 4.50 14.04
CA LEU A 270 -21.01 4.69 15.49
C LEU A 270 -20.82 6.15 15.83
N THR A 271 -21.26 6.53 17.02
CA THR A 271 -20.99 7.87 17.53
C THR A 271 -20.31 7.69 18.86
N LEU A 272 -19.19 8.39 19.07
CA LEU A 272 -18.48 8.32 20.34
C LEU A 272 -18.39 9.73 20.88
N ARG A 273 -18.52 9.84 22.21
CA ARG A 273 -18.53 11.14 22.90
C ARG A 273 -17.81 10.91 24.21
N TRP A 274 -16.84 11.77 24.57
CA TRP A 274 -16.06 11.61 25.82
C TRP A 274 -16.82 12.25 26.98
N ILE B 1 12.21 13.46 -9.57
CA ILE B 1 11.35 14.08 -8.50
C ILE B 1 11.10 13.04 -7.37
N GLN B 2 11.44 13.44 -6.14
CA GLN B 2 11.47 12.60 -4.94
C GLN B 2 10.40 13.00 -3.92
N ARG B 3 9.97 12.03 -3.11
CA ARG B 3 9.01 12.28 -2.00
C ARG B 3 9.46 11.60 -0.72
N THR B 4 9.43 12.35 0.37
CA THR B 4 9.98 11.89 1.63
C THR B 4 8.92 11.01 2.39
N PRO B 5 9.36 9.92 3.04
CA PRO B 5 8.40 9.06 3.75
C PRO B 5 7.56 9.77 4.79
N LYS B 6 6.27 9.44 4.84
CA LYS B 6 5.49 9.60 6.04
C LYS B 6 5.85 8.42 6.90
N ILE B 7 6.00 8.65 8.20
CA ILE B 7 6.45 7.64 9.14
C ILE B 7 5.48 7.44 10.35
N GLN B 8 4.96 6.24 10.54
CA GLN B 8 4.15 5.94 11.76
C GLN B 8 4.74 4.78 12.53
N VAL B 9 4.85 4.92 13.85
CA VAL B 9 5.45 3.91 14.72
C VAL B 9 4.38 3.57 15.73
N TYR B 10 4.08 2.29 15.89
CA TYR B 10 2.88 1.89 16.66
C TYR B 10 2.90 0.41 16.90
N SER B 11 1.97 -0.07 17.75
CA SER B 11 1.90 -1.48 18.05
C SER B 11 0.63 -2.09 17.42
N ARG B 12 0.70 -3.34 17.05
CA ARG B 12 -0.46 -4.02 16.48
C ARG B 12 -1.70 -3.93 17.38
N HIS B 13 -1.52 -4.18 18.68
CA HIS B 13 -2.60 -4.08 19.66
C HIS B 13 -2.24 -2.98 20.69
N PRO B 14 -3.25 -2.41 21.35
CA PRO B 14 -2.89 -1.48 22.41
C PRO B 14 -1.94 -2.18 23.40
N ALA B 15 -0.91 -1.47 23.80
CA ALA B 15 0.23 -2.04 24.51
C ALA B 15 -0.05 -2.33 26.03
N GLU B 16 0.29 -3.52 26.46
CA GLU B 16 0.20 -3.92 27.88
C GLU B 16 1.53 -4.53 28.22
N ASN B 17 2.28 -3.84 29.08
CA ASN B 17 3.56 -4.35 29.62
C ASN B 17 3.42 -5.81 30.02
N GLY B 18 4.45 -6.58 29.71
CA GLY B 18 4.41 -8.01 29.88
C GLY B 18 3.57 -8.82 28.92
N LYS B 19 2.90 -8.20 27.94
CA LYS B 19 2.11 -8.99 26.97
C LYS B 19 2.73 -8.86 25.58
N SER B 20 2.96 -10.02 24.97
CA SER B 20 3.58 -10.07 23.65
C SER B 20 2.70 -9.35 22.63
N ASN B 21 3.35 -8.74 21.66
CA ASN B 21 2.72 -7.80 20.75
C ASN B 21 3.61 -7.68 19.51
N PHE B 22 3.26 -6.79 18.59
CA PHE B 22 4.16 -6.42 17.49
C PHE B 22 4.38 -4.94 17.46
N LEU B 23 5.63 -4.56 17.29
CA LEU B 23 6.03 -3.20 17.04
C LEU B 23 6.13 -3.03 15.53
N ASN B 24 5.43 -2.01 15.02
CA ASN B 24 5.28 -1.71 13.63
C ASN B 24 5.89 -0.35 13.36
N CYS B 25 6.58 -0.25 12.23
CA CYS B 25 6.90 1.03 11.63
C CYS B 25 6.43 1.04 10.15
N TYR B 26 5.41 1.84 9.89
CA TYR B 26 4.83 1.94 8.58
C TYR B 26 5.40 3.19 7.84
N VAL B 27 6.04 2.98 6.67
CA VAL B 27 6.52 4.11 5.87
C VAL B 27 5.80 4.18 4.53
N SER B 28 5.35 5.37 4.14
CA SER B 28 4.49 5.51 2.99
C SER B 28 4.68 6.86 2.35
N GLY B 29 4.16 6.99 1.12
CA GLY B 29 4.20 8.26 0.43
C GLY B 29 5.56 8.63 -0.07
N PHE B 30 6.43 7.64 -0.25
CA PHE B 30 7.83 7.95 -0.65
C PHE B 30 8.22 7.53 -2.07
N HIS B 31 9.26 8.21 -2.56
CA HIS B 31 9.87 7.94 -3.85
C HIS B 31 11.29 8.53 -3.83
N PRO B 32 12.33 7.75 -4.18
CA PRO B 32 12.25 6.39 -4.77
C PRO B 32 12.10 5.28 -3.76
N SER B 33 12.07 4.04 -4.25
CA SER B 33 11.72 2.87 -3.39
C SER B 33 12.81 2.46 -2.42
N ASP B 34 14.04 2.80 -2.77
CA ASP B 34 15.21 2.56 -2.00
C ASP B 34 15.12 3.21 -0.60
N ILE B 35 15.21 2.41 0.44
CA ILE B 35 15.01 2.87 1.78
C ILE B 35 15.54 1.86 2.81
N GLU B 36 15.93 2.35 3.97
CA GLU B 36 16.29 1.48 5.09
C GLU B 36 15.44 1.88 6.25
N VAL B 37 14.92 0.89 6.94
CA VAL B 37 14.08 1.13 8.11
C VAL B 37 14.58 0.20 9.19
N ASP B 38 15.00 0.78 10.31
CA ASP B 38 15.44 -0.02 11.46
C ASP B 38 14.56 0.32 12.64
N LEU B 39 14.33 -0.65 13.52
CA LEU B 39 13.62 -0.45 14.77
C LEU B 39 14.66 -0.51 15.86
N LEU B 40 14.56 0.41 16.84
CA LEU B 40 15.54 0.57 17.89
C LEU B 40 14.90 0.34 19.26
N LYS B 41 15.63 -0.42 20.10
CA LYS B 41 15.25 -0.69 21.47
C LYS B 41 16.35 -0.09 22.36
N ASN B 42 16.00 1.01 23.00
CA ASN B 42 16.92 1.82 23.80
C ASN B 42 18.16 2.30 23.04
N GLY B 43 17.94 2.75 21.80
CA GLY B 43 19.05 3.24 20.95
C GLY B 43 19.74 2.17 20.14
N GLU B 44 19.46 0.89 20.44
CA GLU B 44 20.07 -0.26 19.76
C GLU B 44 19.17 -0.92 18.72
N ARG B 45 19.74 -1.19 17.56
CA ARG B 45 19.02 -1.81 16.48
C ARG B 45 18.60 -3.24 16.82
N ILE B 46 17.32 -3.52 16.66
CA ILE B 46 16.77 -4.85 16.84
C ILE B 46 17.14 -5.64 15.59
N GLU B 47 17.74 -6.79 15.78
CA GLU B 47 18.38 -7.54 14.66
C GLU B 47 17.42 -8.21 13.71
N LYS B 48 16.33 -8.78 14.23
CA LYS B 48 15.41 -9.52 13.40
C LYS B 48 14.13 -8.73 13.30
N VAL B 49 14.07 -8.00 12.19
CA VAL B 49 12.95 -7.19 11.81
C VAL B 49 12.54 -7.65 10.40
N GLU B 50 11.27 -7.93 10.20
CA GLU B 50 10.80 -8.30 8.88
C GLU B 50 10.05 -7.11 8.24
N HIS B 51 9.81 -7.23 6.94
CA HIS B 51 9.06 -6.24 6.23
C HIS B 51 8.15 -6.84 5.18
N SER B 52 7.15 -6.06 4.79
CA SER B 52 6.22 -6.44 3.72
C SER B 52 6.91 -6.34 2.36
N ASP B 53 6.27 -6.90 1.36
CA ASP B 53 6.73 -6.77 0.00
C ASP B 53 6.32 -5.37 -0.51
N LEU B 54 7.23 -4.78 -1.29
CA LEU B 54 7.10 -3.44 -1.88
C LEU B 54 5.85 -3.31 -2.77
N SER B 55 5.05 -2.32 -2.47
CA SER B 55 3.86 -2.02 -3.28
C SER B 55 3.73 -0.50 -3.29
N PHE B 56 2.76 0.03 -4.00
CA PHE B 56 2.63 1.46 -4.08
C PHE B 56 1.18 1.83 -4.24
N SER B 57 0.89 3.11 -3.98
CA SER B 57 -0.44 3.68 -3.97
C SER B 57 -0.78 4.25 -5.34
N LYS B 58 -2.04 4.67 -5.50
CA LYS B 58 -2.47 5.22 -6.82
C LYS B 58 -1.67 6.44 -7.32
N ASP B 59 -1.08 7.19 -6.39
CA ASP B 59 -0.16 8.26 -6.75
C ASP B 59 1.30 7.79 -7.05
N TRP B 60 1.53 6.47 -7.22
CA TRP B 60 2.86 5.88 -7.47
C TRP B 60 3.87 5.83 -6.28
N SER B 61 3.49 6.41 -5.14
CA SER B 61 4.33 6.45 -3.98
C SER B 61 4.33 5.10 -3.28
N PHE B 62 5.50 4.71 -2.79
CA PHE B 62 5.68 3.38 -2.24
C PHE B 62 5.23 3.31 -0.77
N TYR B 63 4.93 2.07 -0.34
CA TYR B 63 4.65 1.85 1.07
C TYR B 63 5.22 0.55 1.52
N LEU B 64 5.65 0.52 2.78
CA LEU B 64 6.18 -0.70 3.46
C LEU B 64 5.88 -0.73 4.99
N LEU B 65 5.66 -1.93 5.50
CA LEU B 65 5.52 -2.19 6.94
C LEU B 65 6.70 -2.96 7.42
N TYR B 66 7.45 -2.38 8.37
CA TYR B 66 8.47 -3.12 9.14
C TYR B 66 7.87 -3.47 10.52
N TYR B 67 8.16 -4.67 10.98
CA TYR B 67 7.62 -5.20 12.21
C TYR B 67 8.54 -6.18 12.94
N THR B 68 8.32 -6.30 14.25
CA THR B 68 8.93 -7.38 15.06
C THR B 68 8.04 -7.76 16.27
N GLU B 69 8.07 -9.04 16.62
CA GLU B 69 7.62 -9.55 17.92
C GLU B 69 8.27 -8.75 19.03
N PHE B 70 7.48 -8.30 19.99
CA PHE B 70 8.07 -7.71 21.19
C PHE B 70 7.13 -7.73 22.40
N THR B 71 7.75 -7.66 23.58
CA THR B 71 6.99 -7.57 24.81
C THR B 71 7.41 -6.30 25.48
N PRO B 72 6.57 -5.27 25.35
CA PRO B 72 6.92 -3.96 25.90
C PRO B 72 6.94 -3.94 27.45
N THR B 73 7.70 -3.00 27.99
CA THR B 73 7.89 -2.85 29.44
C THR B 73 7.87 -1.37 29.71
N GLU B 74 7.87 -1.03 31.00
CA GLU B 74 7.75 0.35 31.38
C GLU B 74 8.93 1.18 30.89
N LYS B 75 10.13 0.66 31.10
CA LYS B 75 11.37 1.39 30.80
C LYS B 75 11.88 1.24 29.34
N ASP B 76 11.50 0.17 28.64
CA ASP B 76 11.98 -0.02 27.24
C ASP B 76 11.43 1.04 26.27
N GLU B 77 12.35 1.83 25.69
CA GLU B 77 12.06 2.96 24.81
C GLU B 77 12.28 2.47 23.37
N TYR B 78 11.26 2.56 22.52
CA TYR B 78 11.33 2.11 21.13
C TYR B 78 11.25 3.27 20.15
N ALA B 79 11.99 3.16 19.06
CA ALA B 79 11.91 4.08 17.95
C ALA B 79 12.12 3.43 16.60
N CYS B 80 11.79 4.19 15.56
CA CYS B 80 11.92 3.77 14.17
C CYS B 80 12.92 4.72 13.47
N ARG B 81 13.91 4.15 12.80
CA ARG B 81 14.93 4.92 12.09
C ARG B 81 14.79 4.71 10.62
N VAL B 82 14.48 5.80 9.93
CA VAL B 82 14.22 5.82 8.51
C VAL B 82 15.32 6.58 7.81
N ASN B 83 15.95 5.89 6.87
CA ASN B 83 17.07 6.38 6.11
C ASN B 83 16.63 6.40 4.61
N HIS B 84 16.53 7.61 4.07
CA HIS B 84 16.06 7.83 2.70
C HIS B 84 16.77 9.04 2.09
N VAL B 85 16.94 8.99 0.77
CA VAL B 85 17.71 10.02 -0.01
C VAL B 85 17.16 11.46 0.17
N THR B 86 15.89 11.57 0.56
CA THR B 86 15.27 12.87 0.84
C THR B 86 15.68 13.40 2.21
N LEU B 87 16.26 12.56 3.05
CA LEU B 87 16.59 12.96 4.42
C LEU B 87 18.08 13.10 4.51
N SER B 88 18.53 14.32 4.72
CA SER B 88 19.97 14.60 5.03
C SER B 88 20.51 13.71 6.12
N GLN B 89 19.70 13.43 7.12
CA GLN B 89 20.12 12.44 8.11
C GLN B 89 18.94 11.54 8.48
N PRO B 90 19.22 10.28 8.88
CA PRO B 90 18.15 9.38 9.24
C PRO B 90 17.17 10.02 10.20
N LYS B 91 15.88 9.83 9.97
CA LYS B 91 14.90 10.39 10.89
C LYS B 91 14.58 9.30 11.91
N ILE B 92 14.76 9.62 13.18
CA ILE B 92 14.37 8.72 14.26
C ILE B 92 13.02 9.15 14.78
N VAL B 93 12.04 8.26 14.71
CA VAL B 93 10.70 8.55 15.25
C VAL B 93 10.40 7.58 16.34
N LYS B 94 10.08 8.11 17.50
CA LYS B 94 9.92 7.22 18.64
C LYS B 94 8.50 6.81 18.92
N TRP B 95 8.39 5.60 19.45
CA TRP B 95 7.09 5.01 19.74
C TRP B 95 6.41 5.79 20.88
N ASP B 96 5.30 6.47 20.59
CA ASP B 96 4.37 7.02 21.58
C ASP B 96 3.18 6.08 21.58
N ARG B 97 2.95 5.37 22.68
CA ARG B 97 1.86 4.36 22.72
C ARG B 97 0.39 4.82 22.57
N ASP B 98 0.16 6.14 22.45
CA ASP B 98 -1.15 6.66 22.00
C ASP B 98 -1.16 7.46 20.69
N MET B 99 -0.34 7.01 19.72
CA MET B 99 -0.37 7.50 18.34
C MET B 99 -0.22 6.32 17.31
N SER C 1 -2.07 -13.48 -13.43
CA SER C 1 -1.30 -12.34 -14.06
C SER C 1 -1.31 -12.32 -15.58
N SER C 2 -0.93 -11.17 -16.12
CA SER C 2 -0.99 -10.84 -17.57
C SER C 2 0.40 -10.98 -18.19
N CYS C 3 0.44 -10.88 -19.52
CA CYS C 3 1.66 -11.15 -20.29
C CYS C 3 2.23 -9.83 -20.92
N PRO C 4 3.57 -9.59 -20.83
CA PRO C 4 4.33 -8.37 -21.28
C PRO C 4 4.03 -7.70 -22.64
N LEU C 5 4.47 -6.43 -22.77
CA LEU C 5 4.47 -5.60 -24.02
C LEU C 5 5.59 -4.50 -24.04
N SER C 6 6.26 -4.27 -25.18
CA SER C 6 7.52 -3.47 -25.22
C SER C 6 7.42 -1.96 -25.59
N LYS C 7 8.20 -1.11 -24.92
CA LYS C 7 8.10 0.38 -25.01
C LYS C 7 9.08 1.05 -25.94
#